data_8Z2W
#
_entry.id   8Z2W
#
_cell.length_a   81.488
_cell.length_b   81.488
_cell.length_c   115.160
_cell.angle_alpha   90.00
_cell.angle_beta   90.00
_cell.angle_gamma   120.00
#
_symmetry.space_group_name_H-M   'P 32 2 1'
#
loop_
_entity.id
_entity.type
_entity.pdbx_description
1 polymer 'Glucan 1,3-beta-glucosidase A'
2 non-polymer '2-methylpropylphosphonic acid'
3 non-polymer 'SODIUM ION'
4 water water
#
_entity_poly.entity_id   1
_entity_poly.type   'polypeptide(L)'
_entity_poly.pdbx_seq_one_letter_code
;MLPLLLCIVPYCWSSRLDPRASSFDYNGEKVRGVNLGGWLVLEPWITPSIFDAAGAEAVDEWSLTKILGKEEAEARLSAH
WKSFVSAGDFQRMADAGLNHVRIPIGYWALGPLEGDPYVDGQLEYLDKAVEWAGAAGLKVLIDLHGAPGSQNGFDNSGRR
GAIQWQQGDTVEQTLDAFDLLAERYLGSDTVAAIEAINEPNIPGGVDQGKLQEYYGSVYGIVNKYNAGTSVVYGDGFLPV
ESWNGFKTEGSKVVMDTHHYHMFDNGLIAMDIDSHIDAVCQFAHQHLEASDKPVIVGEWTGAVTDCAKYLNGKGNGARYD
GSYAADKAIGDCSSLATGFVSKLSDEERSDMRRFIEAQLDAFELKSGWVFWTWKTEGAPGWDMSDLLEAGVFPTSPDDRE
FPKQCHHHHHH
;
_entity_poly.pdbx_strand_id   A
#
# COMPACT_ATOMS: atom_id res chain seq x y z
N ALA A 21 26.92 0.81 -0.80
CA ALA A 21 26.42 0.23 0.47
C ALA A 21 25.00 -0.35 0.28
N SER A 22 24.13 0.33 -0.49
CA SER A 22 22.70 0.06 -0.50
C SER A 22 22.32 -0.86 -1.66
N SER A 23 21.44 -1.86 -1.44
CA SER A 23 20.98 -2.74 -2.52
C SER A 23 20.31 -1.95 -3.66
N PHE A 24 19.58 -0.87 -3.34
CA PHE A 24 18.99 -0.02 -4.36
C PHE A 24 19.32 1.40 -3.94
N ASP A 25 19.68 2.26 -4.90
CA ASP A 25 20.12 3.59 -4.55
C ASP A 25 18.89 4.52 -4.41
N TYR A 26 18.23 4.51 -3.24
CA TYR A 26 16.99 5.28 -3.08
C TYR A 26 17.30 6.79 -3.12
N ASN A 27 18.54 7.14 -2.80
CA ASN A 27 18.94 8.54 -2.85
C ASN A 27 18.97 9.08 -4.27
N GLY A 28 19.42 8.26 -5.23
CA GLY A 28 19.68 8.79 -6.56
C GLY A 28 18.93 8.08 -7.70
N GLU A 29 18.09 7.07 -7.44
CA GLU A 29 17.40 6.35 -8.50
C GLU A 29 15.90 6.38 -8.19
N LYS A 30 15.05 6.39 -9.22
CA LYS A 30 13.64 6.58 -8.95
C LYS A 30 12.97 5.22 -8.76
N VAL A 31 12.16 5.09 -7.72
CA VAL A 31 11.33 3.91 -7.51
C VAL A 31 10.10 4.04 -8.42
N ARG A 32 9.81 2.94 -9.12
CA ARG A 32 8.62 2.80 -9.95
C ARG A 32 8.04 1.44 -9.61
N GLY A 33 6.96 1.46 -8.81
CA GLY A 33 6.48 0.25 -8.20
C GLY A 33 4.97 0.07 -8.25
N VAL A 34 4.58 -1.15 -7.91
CA VAL A 34 3.19 -1.42 -7.61
C VAL A 34 3.15 -2.24 -6.33
N ASN A 35 2.00 -2.16 -5.68
CA ASN A 35 1.66 -2.96 -4.52
C ASN A 35 0.87 -4.20 -4.92
N LEU A 36 1.15 -5.31 -4.22
CA LEU A 36 0.30 -6.50 -4.27
C LEU A 36 -0.67 -6.50 -3.06
N GLY A 37 -1.50 -5.46 -3.03
CA GLY A 37 -2.58 -5.35 -2.07
C GLY A 37 -3.56 -6.49 -2.20
N GLY A 38 -4.07 -6.91 -1.05
CA GLY A 38 -5.12 -7.87 -1.00
C GLY A 38 -4.67 -9.29 -1.21
N TRP A 39 -3.36 -9.52 -1.40
CA TRP A 39 -2.90 -10.85 -1.73
C TRP A 39 -2.69 -11.67 -0.45
N LEU A 40 -1.68 -11.32 0.33
CA LEU A 40 -1.33 -12.07 1.54
C LEU A 40 -1.98 -11.47 2.79
N VAL A 41 -2.51 -10.25 2.64
CA VAL A 41 -3.41 -9.65 3.62
C VAL A 41 -4.65 -9.25 2.84
N LEU A 42 -5.75 -9.97 3.13
CA LEU A 42 -6.98 -9.78 2.38
C LEU A 42 -7.69 -8.51 2.83
N GLU A 43 -8.33 -7.87 1.84
CA GLU A 43 -9.09 -6.66 2.11
C GLU A 43 -10.43 -6.75 1.38
N PRO A 44 -11.55 -6.42 2.06
CA PRO A 44 -12.85 -6.50 1.39
C PRO A 44 -12.98 -5.77 0.06
N TRP A 45 -12.49 -4.54 -0.09
CA TRP A 45 -12.74 -3.85 -1.34
C TRP A 45 -11.93 -4.44 -2.51
N ILE A 46 -10.81 -5.08 -2.19
CA ILE A 46 -9.94 -5.65 -3.20
C ILE A 46 -10.49 -6.99 -3.69
N THR A 47 -10.97 -7.86 -2.77
CA THR A 47 -11.61 -9.10 -3.19
C THR A 47 -12.94 -9.26 -2.45
N PRO A 48 -13.95 -8.47 -2.83
CA PRO A 48 -15.24 -8.53 -2.14
C PRO A 48 -15.87 -9.91 -2.15
N SER A 49 -15.68 -10.66 -3.24
CA SER A 49 -16.33 -11.97 -3.38
C SER A 49 -15.96 -12.90 -2.21
N ILE A 50 -14.71 -12.85 -1.71
CA ILE A 50 -14.25 -13.77 -0.69
C ILE A 50 -14.94 -13.47 0.64
N PHE A 51 -15.09 -12.19 0.95
CA PHE A 51 -15.76 -11.77 2.17
C PHE A 51 -17.28 -12.02 2.12
N ASP A 52 -17.88 -11.72 0.98
CA ASP A 52 -19.31 -11.85 0.81
C ASP A 52 -19.73 -13.31 0.83
N ALA A 53 -18.84 -14.21 0.44
CA ALA A 53 -19.10 -15.64 0.53
C ALA A 53 -19.16 -16.12 1.98
N ALA A 54 -18.67 -15.36 2.96
CA ALA A 54 -18.81 -15.73 4.35
C ALA A 54 -19.82 -14.85 5.10
N GLY A 55 -20.52 -13.96 4.40
CA GLY A 55 -21.66 -13.24 4.96
C GLY A 55 -21.33 -11.87 5.54
N ALA A 56 -22.36 -11.23 6.11
CA ALA A 56 -22.29 -9.81 6.49
C ALA A 56 -21.21 -9.49 7.53
N GLU A 57 -20.87 -10.44 8.41
CA GLU A 57 -20.00 -10.17 9.53
C GLU A 57 -18.53 -10.39 9.14
N ALA A 58 -18.29 -10.82 7.91
CA ALA A 58 -16.93 -11.03 7.44
C ALA A 58 -16.46 -9.73 6.80
N VAL A 59 -15.80 -8.89 7.60
CA VAL A 59 -15.48 -7.53 7.24
C VAL A 59 -13.98 -7.25 7.32
N ASP A 60 -13.17 -8.24 7.66
CA ASP A 60 -11.72 -8.11 7.70
C ASP A 60 -11.16 -9.52 7.80
N GLU A 61 -9.85 -9.70 7.69
CA GLU A 61 -9.30 -11.06 7.68
C GLU A 61 -9.57 -11.73 9.03
N TRP A 62 -9.54 -10.96 10.12
CA TRP A 62 -9.79 -11.53 11.44
C TRP A 62 -11.18 -12.19 11.48
N SER A 63 -12.20 -11.42 11.11
CA SER A 63 -13.58 -11.89 11.20
C SER A 63 -13.87 -13.00 10.17
N LEU A 64 -13.31 -12.85 8.95
CA LEU A 64 -13.39 -13.86 7.92
C LEU A 64 -12.86 -15.20 8.42
N THR A 65 -11.61 -15.24 8.92
CA THR A 65 -11.04 -16.49 9.35
C THR A 65 -11.83 -17.02 10.55
N LYS A 66 -12.29 -16.11 11.42
CA LYS A 66 -12.99 -16.57 12.62
C LYS A 66 -14.31 -17.24 12.22
N ILE A 67 -15.03 -16.65 11.28
CA ILE A 67 -16.31 -17.19 10.81
C ILE A 67 -16.10 -18.54 10.12
N LEU A 68 -15.06 -18.68 9.32
CA LEU A 68 -14.85 -19.91 8.58
C LEU A 68 -14.31 -21.03 9.48
N GLY A 69 -13.58 -20.70 10.56
CA GLY A 69 -12.83 -21.70 11.30
C GLY A 69 -11.49 -22.01 10.62
N LYS A 70 -10.59 -22.67 11.34
CA LYS A 70 -9.20 -22.82 10.90
C LYS A 70 -9.11 -23.63 9.61
N GLU A 71 -9.83 -24.75 9.50
CA GLU A 71 -9.68 -25.64 8.36
C GLU A 71 -10.21 -24.95 7.09
N GLU A 72 -11.44 -24.47 7.15
CA GLU A 72 -12.05 -23.84 5.98
C GLU A 72 -11.34 -22.53 5.64
N ALA A 73 -10.90 -21.78 6.65
CA ALA A 73 -10.13 -20.57 6.37
C ALA A 73 -8.87 -20.92 5.60
N GLU A 74 -8.12 -21.95 6.02
CA GLU A 74 -6.89 -22.26 5.32
C GLU A 74 -7.22 -22.66 3.87
N ALA A 75 -8.30 -23.42 3.67
CA ALA A 75 -8.74 -23.86 2.36
C ALA A 75 -9.06 -22.66 1.47
N ARG A 76 -9.89 -21.72 1.95
CA ARG A 76 -10.32 -20.64 1.06
C ARG A 76 -9.19 -19.61 0.83
N LEU A 77 -8.50 -19.22 1.91
CA LEU A 77 -7.41 -18.27 1.75
C LEU A 77 -6.28 -18.85 0.92
N SER A 78 -5.90 -20.12 1.11
CA SER A 78 -4.80 -20.68 0.33
C SER A 78 -5.17 -20.79 -1.15
N ALA A 79 -6.46 -21.00 -1.45
CA ALA A 79 -6.90 -21.03 -2.84
C ALA A 79 -6.59 -19.68 -3.47
N HIS A 80 -6.88 -18.61 -2.74
CA HIS A 80 -6.63 -17.24 -3.18
C HIS A 80 -5.12 -16.93 -3.25
N TRP A 81 -4.33 -17.32 -2.26
CA TRP A 81 -2.90 -17.08 -2.31
C TRP A 81 -2.32 -17.63 -3.61
N LYS A 82 -2.76 -18.83 -3.98
CA LYS A 82 -2.21 -19.52 -5.14
C LYS A 82 -2.69 -18.89 -6.43
N SER A 83 -3.99 -18.57 -6.52
CA SER A 83 -4.58 -18.17 -7.78
C SER A 83 -4.36 -16.69 -8.10
N PHE A 84 -4.16 -15.84 -7.09
CA PHE A 84 -4.22 -14.40 -7.31
C PHE A 84 -2.98 -13.82 -7.99
N VAL A 85 -1.83 -14.53 -7.84
CA VAL A 85 -0.53 -14.08 -8.28
C VAL A 85 0.27 -15.24 -8.87
N SER A 86 0.83 -15.00 -10.05
CA SER A 86 1.72 -15.93 -10.69
C SER A 86 3.00 -15.22 -11.12
N ALA A 87 3.95 -15.99 -11.66
CA ALA A 87 5.14 -15.35 -12.23
C ALA A 87 4.77 -14.39 -13.37
N GLY A 88 3.68 -14.67 -14.09
CA GLY A 88 3.26 -13.81 -15.18
C GLY A 88 2.82 -12.42 -14.74
N ASP A 89 2.31 -12.27 -13.51
CA ASP A 89 2.03 -10.96 -12.91
C ASP A 89 3.33 -10.14 -12.86
N PHE A 90 4.39 -10.76 -12.34
CA PHE A 90 5.65 -10.04 -12.20
C PHE A 90 6.24 -9.68 -13.55
N GLN A 91 6.08 -10.54 -14.56
CA GLN A 91 6.64 -10.22 -15.86
C GLN A 91 5.88 -9.01 -16.43
N ARG A 92 4.57 -8.96 -16.21
CA ARG A 92 3.77 -7.85 -16.73
C ARG A 92 4.14 -6.56 -16.02
N MET A 93 4.51 -6.67 -14.74
CA MET A 93 4.95 -5.51 -13.98
C MET A 93 6.24 -4.98 -14.58
N ALA A 94 7.19 -5.88 -14.87
CA ALA A 94 8.46 -5.45 -15.47
C ALA A 94 8.23 -4.86 -16.86
N ASP A 95 7.31 -5.46 -17.62
CA ASP A 95 7.00 -4.94 -18.95
C ASP A 95 6.41 -3.55 -18.89
N ALA A 96 5.75 -3.19 -17.77
CA ALA A 96 5.14 -1.88 -17.59
C ALA A 96 6.14 -0.81 -17.15
N GLY A 97 7.43 -1.17 -17.09
CA GLY A 97 8.49 -0.25 -16.75
C GLY A 97 8.76 -0.14 -15.25
N LEU A 98 8.22 -1.08 -14.46
CA LEU A 98 8.44 -1.02 -13.02
C LEU A 98 9.77 -1.60 -12.58
N ASN A 99 10.27 -1.14 -11.42
CA ASN A 99 11.49 -1.72 -10.85
C ASN A 99 11.26 -2.24 -9.42
N HIS A 100 10.05 -2.09 -8.84
CA HIS A 100 9.77 -2.51 -7.49
C HIS A 100 8.38 -3.09 -7.36
N VAL A 101 8.23 -4.03 -6.40
CA VAL A 101 6.94 -4.51 -5.97
C VAL A 101 6.89 -4.44 -4.44
N ARG A 102 5.87 -3.76 -3.91
CA ARG A 102 5.65 -3.67 -2.48
C ARG A 102 4.63 -4.74 -2.10
N ILE A 103 5.01 -5.60 -1.17
CA ILE A 103 4.21 -6.78 -0.81
C ILE A 103 3.81 -6.77 0.65
N PRO A 104 2.53 -6.41 0.93
CA PRO A 104 1.99 -6.56 2.28
C PRO A 104 2.01 -7.99 2.81
N ILE A 105 2.38 -8.12 4.09
CA ILE A 105 2.27 -9.38 4.81
C ILE A 105 1.90 -9.07 6.26
N GLY A 106 1.03 -9.92 6.85
CA GLY A 106 0.62 -9.71 8.22
C GLY A 106 1.51 -10.46 9.21
N TYR A 107 1.49 -10.00 10.46
CA TYR A 107 2.29 -10.61 11.50
C TYR A 107 1.94 -12.09 11.62
N TRP A 108 0.67 -12.42 11.33
CA TRP A 108 0.17 -13.76 11.55
C TRP A 108 0.80 -14.76 10.58
N ALA A 109 1.34 -14.30 9.44
CA ALA A 109 2.06 -15.19 8.53
C ALA A 109 3.27 -15.79 9.23
N LEU A 110 3.81 -15.07 10.24
CA LEU A 110 5.00 -15.52 10.94
C LEU A 110 4.65 -16.28 12.23
N GLY A 111 3.35 -16.51 12.44
CA GLY A 111 2.85 -17.38 13.50
C GLY A 111 1.68 -16.72 14.22
N PRO A 112 0.41 -17.17 14.01
CA PRO A 112 -0.72 -16.59 14.71
C PRO A 112 -0.50 -16.68 16.22
N LEU A 113 -0.92 -15.64 16.95
CA LEU A 113 -0.88 -15.69 18.39
C LEU A 113 -1.98 -16.63 18.91
N GLU A 114 -1.77 -17.14 20.13
CA GLU A 114 -2.75 -18.04 20.75
C GLU A 114 -4.06 -17.25 20.77
N GLY A 115 -5.11 -17.89 20.25
CA GLY A 115 -6.43 -17.27 20.25
C GLY A 115 -6.73 -16.49 18.97
N ASP A 116 -5.72 -16.23 18.13
CA ASP A 116 -5.99 -15.61 16.85
C ASP A 116 -6.79 -16.54 15.94
N PRO A 117 -7.78 -16.01 15.19
CA PRO A 117 -8.48 -16.78 14.16
C PRO A 117 -7.62 -16.98 12.91
N TYR A 118 -6.64 -16.09 12.68
CA TYR A 118 -5.79 -16.10 11.50
C TYR A 118 -5.16 -17.47 11.23
N VAL A 119 -5.07 -17.80 9.91
CA VAL A 119 -4.28 -18.91 9.45
C VAL A 119 -3.00 -18.38 8.81
N ASP A 120 -1.96 -19.21 8.83
CA ASP A 120 -0.71 -18.95 8.13
C ASP A 120 -0.60 -19.88 6.92
N GLY A 121 0.56 -19.78 6.25
CA GLY A 121 0.85 -20.42 4.98
C GLY A 121 1.23 -19.43 3.89
N GLN A 122 1.21 -18.13 4.23
CA GLN A 122 1.51 -17.07 3.30
C GLN A 122 2.98 -17.07 2.90
N LEU A 123 3.89 -17.46 3.81
CA LEU A 123 5.31 -17.36 3.52
C LEU A 123 5.75 -18.17 2.31
N GLU A 124 5.14 -19.32 2.09
CA GLU A 124 5.46 -20.11 0.89
C GLU A 124 5.22 -19.30 -0.40
N TYR A 125 4.21 -18.42 -0.37
CA TYR A 125 3.83 -17.60 -1.51
C TYR A 125 4.74 -16.37 -1.60
N LEU A 126 5.08 -15.77 -0.46
CA LEU A 126 6.03 -14.66 -0.47
C LEU A 126 7.38 -15.17 -0.97
N ASP A 127 7.76 -16.41 -0.60
CA ASP A 127 8.99 -16.97 -1.13
C ASP A 127 8.93 -17.03 -2.66
N LYS A 128 7.82 -17.46 -3.23
CA LYS A 128 7.67 -17.52 -4.67
C LYS A 128 7.76 -16.12 -5.28
N ALA A 129 7.09 -15.16 -4.66
CA ALA A 129 7.13 -13.78 -5.14
C ALA A 129 8.59 -13.29 -5.26
N VAL A 130 9.41 -13.55 -4.25
CA VAL A 130 10.79 -13.10 -4.29
C VAL A 130 11.51 -13.75 -5.48
N GLU A 131 11.27 -15.03 -5.68
CA GLU A 131 11.87 -15.72 -6.81
C GLU A 131 11.38 -15.11 -8.12
N TRP A 132 10.07 -14.92 -8.26
CA TRP A 132 9.50 -14.43 -9.50
C TRP A 132 9.95 -12.98 -9.79
N ALA A 133 9.97 -12.16 -8.74
CA ALA A 133 10.41 -10.78 -8.87
C ALA A 133 11.86 -10.76 -9.38
N GLY A 134 12.70 -11.61 -8.80
CA GLY A 134 14.09 -11.66 -9.24
C GLY A 134 14.20 -12.02 -10.71
N ALA A 135 13.43 -13.02 -11.12
CA ALA A 135 13.46 -13.49 -12.48
C ALA A 135 13.06 -12.38 -13.44
N ALA A 136 12.16 -11.47 -13.02
CA ALA A 136 11.65 -10.39 -13.86
C ALA A 136 12.51 -9.15 -13.74
N GLY A 137 13.53 -9.18 -12.90
CA GLY A 137 14.42 -8.03 -12.75
C GLY A 137 13.88 -6.95 -11.81
N LEU A 138 12.94 -7.28 -10.92
CA LEU A 138 12.35 -6.33 -9.99
C LEU A 138 12.94 -6.47 -8.59
N LYS A 139 12.89 -5.38 -7.81
CA LYS A 139 13.20 -5.42 -6.38
C LYS A 139 11.88 -5.61 -5.63
N VAL A 140 11.95 -6.22 -4.47
CA VAL A 140 10.81 -6.36 -3.57
C VAL A 140 11.04 -5.51 -2.33
N LEU A 141 9.95 -4.83 -1.91
CA LEU A 141 9.86 -4.10 -0.64
C LEU A 141 8.85 -4.89 0.16
N ILE A 142 9.32 -5.56 1.21
CA ILE A 142 8.45 -6.34 2.06
C ILE A 142 7.85 -5.40 3.08
N ASP A 143 6.53 -5.46 3.26
CA ASP A 143 5.82 -4.48 4.06
C ASP A 143 5.07 -5.23 5.17
N LEU A 144 5.50 -5.08 6.44
CA LEU A 144 4.74 -5.66 7.52
C LEU A 144 3.47 -4.82 7.71
N HIS A 145 2.35 -5.37 7.26
CA HIS A 145 1.14 -4.58 6.99
C HIS A 145 0.15 -4.62 8.14
N GLY A 146 0.34 -5.55 9.05
CA GLY A 146 -0.58 -5.67 10.17
C GLY A 146 0.15 -6.15 11.40
N ALA A 147 -0.06 -5.47 12.51
CA ALA A 147 0.62 -5.79 13.76
C ALA A 147 -0.39 -6.24 14.81
N PRO A 148 0.07 -7.01 15.81
CA PRO A 148 -0.80 -7.47 16.91
C PRO A 148 -1.53 -6.28 17.55
N GLY A 149 -2.85 -6.42 17.64
CA GLY A 149 -3.73 -5.44 18.28
C GLY A 149 -4.22 -4.37 17.33
N SER A 150 -3.63 -4.30 16.13
CA SER A 150 -3.92 -3.30 15.10
C SER A 150 -3.27 -1.95 15.42
N GLN A 151 -2.42 -1.54 14.48
CA GLN A 151 -1.71 -0.29 14.53
C GLN A 151 -2.56 0.87 14.00
N ASN A 152 -3.76 0.59 13.46
CA ASN A 152 -4.48 1.69 12.84
C ASN A 152 -5.99 1.58 12.92
N GLY A 153 -6.52 0.40 13.29
CA GLY A 153 -7.97 0.22 13.35
C GLY A 153 -8.59 0.01 11.97
N PHE A 154 -7.77 -0.11 10.92
CA PHE A 154 -8.30 -0.32 9.60
C PHE A 154 -8.47 -1.82 9.34
N ASP A 155 -9.41 -2.12 8.44
CA ASP A 155 -9.60 -3.50 8.02
C ASP A 155 -8.30 -4.11 7.49
N ASN A 156 -7.49 -3.30 6.79
CA ASN A 156 -6.30 -3.83 6.14
C ASN A 156 -5.17 -4.14 7.11
N SER A 157 -5.35 -3.82 8.40
CA SER A 157 -4.41 -4.22 9.43
C SER A 157 -4.63 -5.68 9.80
N GLY A 158 -5.80 -6.19 9.37
CA GLY A 158 -6.29 -7.49 9.75
C GLY A 158 -7.63 -7.41 10.51
N ARG A 159 -7.73 -6.41 11.39
CA ARG A 159 -8.89 -6.28 12.27
C ARG A 159 -9.26 -4.81 12.40
N ARG A 160 -10.47 -4.47 11.92
CA ARG A 160 -10.89 -3.10 11.95
C ARG A 160 -11.52 -2.82 13.31
N GLY A 161 -11.46 -1.56 13.69
CA GLY A 161 -12.09 -1.07 14.91
C GLY A 161 -11.04 -0.26 15.69
N ALA A 162 -10.65 -0.84 16.81
CA ALA A 162 -9.77 -0.20 17.75
C ALA A 162 -8.29 -0.36 17.35
N ILE A 163 -7.51 0.52 17.95
CA ILE A 163 -6.05 0.49 17.91
C ILE A 163 -5.59 -0.02 19.26
N GLN A 164 -5.16 -1.27 19.31
CA GLN A 164 -4.60 -1.81 20.53
C GLN A 164 -3.12 -2.17 20.40
N TRP A 165 -2.53 -1.84 19.26
CA TRP A 165 -1.08 -1.92 19.19
C TRP A 165 -0.53 -0.88 20.18
N GLN A 166 0.56 -1.27 20.83
CA GLN A 166 1.27 -0.59 21.92
C GLN A 166 0.67 -0.96 23.29
N GLN A 167 -0.42 -1.72 23.33
CA GLN A 167 -0.93 -2.23 24.60
CA GLN A 167 -0.94 -2.23 24.59
C GLN A 167 -0.28 -3.58 24.87
N GLY A 168 -0.14 -3.92 26.17
CA GLY A 168 0.27 -5.27 26.53
C GLY A 168 1.62 -5.59 25.91
N ASP A 169 1.73 -6.79 25.32
CA ASP A 169 2.98 -7.25 24.76
C ASP A 169 2.97 -7.14 23.24
N THR A 170 2.07 -6.29 22.71
CA THR A 170 1.87 -6.24 21.25
C THR A 170 3.14 -5.81 20.51
N VAL A 171 3.87 -4.84 21.02
CA VAL A 171 5.04 -4.36 20.30
C VAL A 171 6.15 -5.41 20.28
N GLU A 172 6.40 -6.07 21.42
CA GLU A 172 7.36 -7.16 21.44
C GLU A 172 6.97 -8.26 20.45
N GLN A 173 5.69 -8.59 20.38
CA GLN A 173 5.21 -9.59 19.43
C GLN A 173 5.42 -9.12 17.98
N THR A 174 5.33 -7.81 17.76
CA THR A 174 5.55 -7.27 16.43
C THR A 174 7.01 -7.47 16.04
N LEU A 175 7.92 -7.16 16.99
CA LEU A 175 9.35 -7.30 16.73
C LEU A 175 9.71 -8.75 16.54
N ASP A 176 9.07 -9.65 17.27
CA ASP A 176 9.34 -11.08 17.13
C ASP A 176 9.02 -11.48 15.68
N ALA A 177 7.87 -11.05 15.17
CA ALA A 177 7.46 -11.32 13.79
C ALA A 177 8.43 -10.65 12.81
N PHE A 178 8.80 -9.40 13.05
CA PHE A 178 9.67 -8.68 12.14
C PHE A 178 11.02 -9.39 12.00
N ASP A 179 11.55 -9.84 13.14
CA ASP A 179 12.82 -10.50 13.19
C ASP A 179 12.81 -11.73 12.28
N LEU A 180 11.74 -12.54 12.36
CA LEU A 180 11.64 -13.75 11.56
C LEU A 180 11.56 -13.40 10.07
N LEU A 181 10.80 -12.36 9.76
CA LEU A 181 10.64 -11.88 8.40
C LEU A 181 11.99 -11.44 7.82
N ALA A 182 12.75 -10.66 8.61
CA ALA A 182 14.04 -10.19 8.20
C ALA A 182 14.98 -11.38 8.01
N GLU A 183 14.97 -12.33 8.95
CA GLU A 183 15.84 -13.47 8.86
C GLU A 183 15.54 -14.26 7.60
N ARG A 184 14.26 -14.36 7.25
CA ARG A 184 13.85 -15.18 6.13
C ARG A 184 14.27 -14.57 4.80
N TYR A 185 14.23 -13.24 4.67
CA TYR A 185 14.27 -12.64 3.34
C TYR A 185 15.53 -11.81 3.07
N LEU A 186 16.22 -11.33 4.12
CA LEU A 186 17.22 -10.31 3.85
C LEU A 186 18.53 -10.91 3.32
N GLY A 187 18.57 -12.20 3.05
CA GLY A 187 19.72 -12.82 2.41
C GLY A 187 19.65 -12.71 0.89
N SER A 188 18.55 -12.17 0.38
CA SER A 188 18.36 -12.05 -1.04
C SER A 188 18.52 -10.60 -1.47
N ASP A 189 19.37 -10.35 -2.47
CA ASP A 189 19.55 -9.05 -3.13
C ASP A 189 18.21 -8.55 -3.71
N THR A 190 17.29 -9.46 -4.04
CA THR A 190 16.00 -9.06 -4.62
C THR A 190 15.24 -8.16 -3.63
N VAL A 191 15.38 -8.44 -2.35
CA VAL A 191 14.69 -7.71 -1.31
C VAL A 191 15.54 -6.50 -0.99
N ALA A 192 15.20 -5.36 -1.58
CA ALA A 192 15.99 -4.14 -1.43
C ALA A 192 15.68 -3.37 -0.17
N ALA A 193 14.48 -3.58 0.38
CA ALA A 193 13.99 -2.73 1.45
C ALA A 193 12.89 -3.45 2.22
N ILE A 194 12.74 -3.09 3.50
CA ILE A 194 11.71 -3.67 4.34
C ILE A 194 11.08 -2.57 5.20
N GLU A 195 9.74 -2.60 5.30
CA GLU A 195 8.99 -1.54 5.97
C GLU A 195 8.56 -1.99 7.36
N ALA A 196 8.80 -1.12 8.34
CA ALA A 196 8.62 -1.41 9.74
C ALA A 196 7.18 -1.79 10.07
N ILE A 197 6.24 -0.97 9.60
CA ILE A 197 4.82 -1.25 9.81
C ILE A 197 3.98 -0.35 8.91
N ASN A 198 2.96 -0.91 8.26
CA ASN A 198 2.10 -0.10 7.41
C ASN A 198 1.21 0.84 8.22
N GLU A 199 1.22 2.12 7.85
CA GLU A 199 0.26 3.14 8.33
C GLU A 199 -0.01 3.01 9.84
N PRO A 200 1.02 3.19 10.70
CA PRO A 200 0.80 3.38 12.13
C PRO A 200 0.01 4.69 12.27
N ASN A 201 -1.10 4.64 13.01
CA ASN A 201 -2.06 5.74 12.96
C ASN A 201 -1.88 6.69 14.14
N ILE A 202 -0.98 7.66 13.97
CA ILE A 202 -0.67 8.57 15.06
C ILE A 202 -1.91 9.39 15.42
N PRO A 203 -2.64 10.02 14.48
CA PRO A 203 -3.84 10.79 14.87
C PRO A 203 -4.93 9.95 15.50
N GLY A 204 -4.89 8.66 15.21
CA GLY A 204 -5.82 7.70 15.75
C GLY A 204 -5.46 7.21 17.13
N GLY A 205 -4.23 7.50 17.61
CA GLY A 205 -3.83 7.25 18.97
C GLY A 205 -2.51 6.47 19.11
N VAL A 206 -1.82 6.15 18.00
CA VAL A 206 -0.48 5.58 18.17
C VAL A 206 0.47 6.66 18.70
N ASP A 207 1.19 6.31 19.74
CA ASP A 207 2.12 7.21 20.40
C ASP A 207 3.42 7.28 19.59
N GLN A 208 3.81 8.51 19.22
CA GLN A 208 4.94 8.70 18.35
C GLN A 208 6.26 8.32 19.03
N GLY A 209 6.40 8.63 20.32
CA GLY A 209 7.62 8.29 21.02
C GLY A 209 7.88 6.78 21.03
N LYS A 210 6.83 6.05 21.33
CA LYS A 210 6.93 4.59 21.31
C LYS A 210 7.13 4.08 19.88
N LEU A 211 6.47 4.70 18.91
CA LEU A 211 6.67 4.34 17.51
C LEU A 211 8.14 4.51 17.11
N GLN A 212 8.74 5.64 17.51
CA GLN A 212 10.16 5.84 17.22
C GLN A 212 11.07 4.81 17.87
N GLU A 213 10.74 4.31 19.06
CA GLU A 213 11.50 3.23 19.67
C GLU A 213 11.36 1.95 18.85
N TYR A 214 10.15 1.66 18.39
CA TYR A 214 9.92 0.51 17.52
C TYR A 214 10.75 0.65 16.24
N TYR A 215 10.76 1.84 15.66
CA TYR A 215 11.58 2.11 14.48
C TYR A 215 13.05 1.87 14.74
N GLY A 216 13.56 2.34 15.89
CA GLY A 216 14.93 2.08 16.27
C GLY A 216 15.23 0.58 16.37
N SER A 217 14.29 -0.17 16.93
CA SER A 217 14.50 -1.61 17.11
C SER A 217 14.49 -2.33 15.76
N VAL A 218 13.55 -1.94 14.89
CA VAL A 218 13.49 -2.49 13.53
C VAL A 218 14.83 -2.27 12.81
N TYR A 219 15.37 -1.06 12.90
CA TYR A 219 16.63 -0.74 12.26
C TYR A 219 17.76 -1.65 12.75
N GLY A 220 17.77 -1.95 14.04
CA GLY A 220 18.73 -2.89 14.62
C GLY A 220 18.56 -4.29 14.07
N ILE A 221 17.31 -4.73 13.90
CA ILE A 221 17.05 -6.07 13.37
C ILE A 221 17.59 -6.16 11.94
N VAL A 222 17.27 -5.16 11.12
CA VAL A 222 17.71 -5.18 9.73
C VAL A 222 19.24 -5.23 9.69
N ASN A 223 19.90 -4.47 10.57
CA ASN A 223 21.36 -4.42 10.58
C ASN A 223 22.00 -5.69 11.16
N LYS A 224 21.29 -6.46 11.95
CA LYS A 224 21.75 -7.80 12.32
C LYS A 224 21.87 -8.67 11.05
N TYR A 225 20.92 -8.62 10.13
CA TYR A 225 20.86 -9.60 9.04
C TYR A 225 21.53 -9.11 7.75
N ASN A 226 21.38 -7.82 7.41
CA ASN A 226 21.93 -7.30 6.18
C ASN A 226 21.88 -5.78 6.22
N ALA A 227 23.01 -5.15 6.59
CA ALA A 227 23.09 -3.70 6.65
C ALA A 227 22.94 -3.04 5.28
N GLY A 228 23.02 -3.81 4.20
CA GLY A 228 22.79 -3.28 2.88
C GLY A 228 21.31 -3.04 2.56
N THR A 229 20.38 -3.63 3.35
CA THR A 229 18.95 -3.49 3.11
C THR A 229 18.44 -2.16 3.67
N SER A 230 17.63 -1.43 2.89
CA SER A 230 17.07 -0.16 3.34
C SER A 230 15.89 -0.42 4.26
N VAL A 231 15.72 0.49 5.23
CA VAL A 231 14.62 0.41 6.18
C VAL A 231 13.60 1.46 5.80
N VAL A 232 12.32 1.06 5.67
CA VAL A 232 11.26 1.96 5.26
C VAL A 232 10.36 2.25 6.45
N TYR A 233 10.17 3.56 6.66
CA TYR A 233 9.29 4.04 7.73
C TYR A 233 8.12 4.82 7.19
N GLY A 234 6.90 4.42 7.58
CA GLY A 234 5.74 5.24 7.31
C GLY A 234 5.75 6.50 8.19
N ASP A 235 5.16 7.57 7.65
CA ASP A 235 5.15 8.86 8.33
C ASP A 235 4.05 8.95 9.42
N GLY A 236 3.22 7.91 9.55
CA GLY A 236 2.18 7.86 10.60
C GLY A 236 1.07 8.87 10.39
N PHE A 237 0.89 9.32 9.14
CA PHE A 237 -0.06 10.35 8.74
C PHE A 237 0.33 11.76 9.17
N LEU A 238 1.52 11.94 9.74
CA LEU A 238 2.03 13.27 9.96
C LEU A 238 2.69 13.73 8.66
N PRO A 239 2.84 15.06 8.47
CA PRO A 239 3.62 15.58 7.34
C PRO A 239 4.96 14.87 7.25
N VAL A 240 5.33 14.39 6.07
CA VAL A 240 6.54 13.57 5.98
C VAL A 240 7.77 14.37 6.47
N GLU A 241 7.82 15.65 6.16
CA GLU A 241 8.97 16.49 6.53
C GLU A 241 9.10 16.65 8.03
N SER A 242 8.02 16.39 8.79
CA SER A 242 8.04 16.47 10.24
C SER A 242 9.03 15.46 10.84
N TRP A 243 9.31 14.38 10.08
CA TRP A 243 10.26 13.35 10.46
C TRP A 243 11.72 13.73 10.17
N ASN A 244 11.96 14.96 9.75
CA ASN A 244 13.33 15.43 9.61
C ASN A 244 14.04 15.30 10.96
N GLY A 245 15.31 14.89 10.87
CA GLY A 245 16.14 14.68 12.04
C GLY A 245 15.99 13.33 12.71
N PHE A 246 15.12 12.44 12.19
CA PHE A 246 15.01 11.09 12.71
C PHE A 246 15.58 10.09 11.72
N LYS A 247 16.68 9.41 12.06
CA LYS A 247 17.29 8.38 11.21
C LYS A 247 17.57 8.88 9.80
N THR A 248 18.15 10.07 9.71
CA THR A 248 18.49 10.64 8.41
C THR A 248 19.79 10.01 7.91
N GLU A 249 19.76 9.20 6.85
CA GLU A 249 20.91 8.34 6.51
C GLU A 249 21.00 8.04 5.02
N GLY A 250 20.66 9.01 4.18
CA GLY A 250 20.83 8.81 2.75
C GLY A 250 19.95 7.68 2.21
N SER A 251 20.55 6.76 1.42
CA SER A 251 19.75 5.67 0.86
C SER A 251 19.26 4.66 1.90
N LYS A 252 19.81 4.65 3.11
CA LYS A 252 19.55 3.59 4.07
C LYS A 252 18.14 3.65 4.65
N VAL A 253 17.65 4.88 4.90
CA VAL A 253 16.36 5.08 5.56
C VAL A 253 15.43 5.88 4.65
N VAL A 254 14.35 5.21 4.27
CA VAL A 254 13.40 5.74 3.30
C VAL A 254 12.07 5.97 3.99
N MET A 255 11.51 7.18 3.87
CA MET A 255 10.18 7.45 4.38
C MET A 255 9.17 7.00 3.32
N ASP A 256 8.01 6.55 3.80
CA ASP A 256 6.89 6.15 2.97
C ASP A 256 5.69 7.00 3.36
N THR A 257 5.24 7.78 2.38
CA THR A 257 4.04 8.61 2.52
CA THR A 257 4.04 8.62 2.50
C THR A 257 3.01 8.10 1.52
N HIS A 258 1.74 8.11 1.93
CA HIS A 258 0.65 7.61 1.11
C HIS A 258 -0.19 8.80 0.69
N HIS A 259 -0.46 8.94 -0.60
CA HIS A 259 -1.09 10.16 -1.10
C HIS A 259 -2.34 9.80 -1.90
N TYR A 260 -3.48 10.16 -1.31
CA TYR A 260 -4.79 9.86 -1.85
C TYR A 260 -5.64 11.12 -1.86
N HIS A 261 -6.58 11.18 -2.81
CA HIS A 261 -7.46 12.33 -2.93
C HIS A 261 -8.93 12.06 -2.56
N MET A 262 -9.27 10.89 -1.99
CA MET A 262 -10.67 10.55 -1.79
C MET A 262 -11.01 10.36 -0.32
N PHE A 263 -10.05 10.64 0.62
CA PHE A 263 -10.30 10.37 2.03
C PHE A 263 -10.34 11.66 2.86
N ASP A 264 -10.33 12.79 2.18
CA ASP A 264 -10.33 14.15 2.73
C ASP A 264 -11.39 14.95 1.98
N ASN A 265 -12.22 15.72 2.68
CA ASN A 265 -13.28 16.47 2.00
C ASN A 265 -12.79 17.52 1.01
N GLY A 266 -11.68 18.19 1.33
CA GLY A 266 -11.09 19.18 0.43
C GLY A 266 -10.64 18.59 -0.89
N LEU A 267 -9.92 17.46 -0.86
CA LEU A 267 -9.39 16.89 -2.08
C LEU A 267 -10.53 16.28 -2.90
N ILE A 268 -11.49 15.65 -2.26
CA ILE A 268 -12.45 14.87 -3.00
C ILE A 268 -13.37 15.82 -3.77
N ALA A 269 -13.51 17.09 -3.31
CA ALA A 269 -14.35 18.08 -3.98
C ALA A 269 -13.70 18.63 -5.25
N MET A 270 -12.43 18.29 -5.54
CA MET A 270 -11.72 18.97 -6.61
C MET A 270 -12.16 18.45 -7.99
N ASP A 271 -12.06 19.32 -8.98
CA ASP A 271 -12.08 18.89 -10.37
C ASP A 271 -10.70 18.40 -10.80
N ILE A 272 -10.59 17.93 -12.05
CA ILE A 272 -9.34 17.30 -12.49
C ILE A 272 -8.18 18.30 -12.43
N ASP A 273 -8.39 19.54 -12.90
CA ASP A 273 -7.33 20.54 -12.86
C ASP A 273 -6.81 20.78 -11.44
N SER A 274 -7.73 20.89 -10.50
CA SER A 274 -7.38 21.13 -9.10
C SER A 274 -6.68 19.93 -8.48
N HIS A 275 -7.15 18.72 -8.82
CA HIS A 275 -6.47 17.51 -8.37
C HIS A 275 -5.00 17.56 -8.78
N ILE A 276 -4.76 17.87 -10.05
CA ILE A 276 -3.42 17.89 -10.59
C ILE A 276 -2.56 18.93 -9.85
N ASP A 277 -3.13 20.12 -9.63
CA ASP A 277 -2.43 21.18 -8.92
C ASP A 277 -2.05 20.71 -7.52
N ALA A 278 -2.98 20.01 -6.83
CA ALA A 278 -2.74 19.55 -5.48
C ALA A 278 -1.63 18.50 -5.46
N VAL A 279 -1.51 17.67 -6.50
CA VAL A 279 -0.42 16.72 -6.56
C VAL A 279 0.93 17.44 -6.62
N CYS A 280 1.01 18.44 -7.51
CA CYS A 280 2.23 19.20 -7.66
CA CYS A 280 2.22 19.23 -7.67
C CYS A 280 2.57 19.93 -6.35
N GLN A 281 1.57 20.54 -5.72
CA GLN A 281 1.79 21.24 -4.47
C GLN A 281 2.30 20.28 -3.40
N PHE A 282 1.72 19.09 -3.31
CA PHE A 282 2.18 18.08 -2.36
C PHE A 282 3.66 17.74 -2.58
N ALA A 283 4.06 17.54 -3.85
CA ALA A 283 5.44 17.22 -4.19
C ALA A 283 6.36 18.35 -3.74
N HIS A 284 5.98 19.59 -4.04
CA HIS A 284 6.86 20.74 -3.79
C HIS A 284 6.92 21.06 -2.30
N GLN A 285 5.79 20.99 -1.61
CA GLN A 285 5.73 21.42 -0.22
C GLN A 285 6.12 20.33 0.76
N HIS A 286 5.90 19.05 0.41
CA HIS A 286 6.10 17.96 1.36
C HIS A 286 7.27 17.06 0.92
N LEU A 287 7.22 16.48 -0.28
CA LEU A 287 8.22 15.51 -0.70
C LEU A 287 9.59 16.18 -0.72
N GLU A 288 9.61 17.40 -1.28
CA GLU A 288 10.86 18.11 -1.45
C GLU A 288 11.34 18.75 -0.14
N ALA A 289 10.54 18.68 0.94
CA ALA A 289 10.94 19.24 2.25
C ALA A 289 11.57 18.20 3.16
N SER A 290 11.55 16.91 2.77
CA SER A 290 12.11 15.87 3.60
C SER A 290 13.63 15.76 3.42
N ASP A 291 14.29 15.46 4.52
CA ASP A 291 15.74 15.29 4.56
C ASP A 291 16.18 13.86 4.21
N LYS A 292 15.20 13.03 3.80
CA LYS A 292 15.43 11.64 3.48
C LYS A 292 14.79 11.36 2.12
N PRO A 293 15.18 10.24 1.48
CA PRO A 293 14.37 9.71 0.38
C PRO A 293 12.96 9.51 0.86
N VAL A 294 11.98 9.80 -0.01
CA VAL A 294 10.60 9.56 0.33
C VAL A 294 9.96 8.87 -0.86
N ILE A 295 9.46 7.65 -0.66
CA ILE A 295 8.64 7.07 -1.70
C ILE A 295 7.19 7.44 -1.41
N VAL A 296 6.43 7.72 -2.47
CA VAL A 296 4.99 7.74 -2.31
C VAL A 296 4.53 6.27 -2.46
N GLY A 297 4.53 5.54 -1.35
CA GLY A 297 4.43 4.07 -1.37
C GLY A 297 3.02 3.55 -1.65
N GLU A 298 2.06 4.46 -1.58
CA GLU A 298 0.69 4.21 -2.06
C GLU A 298 0.14 5.52 -2.61
N TRP A 299 -0.54 5.36 -3.75
CA TRP A 299 -1.29 6.41 -4.46
C TRP A 299 -2.10 5.70 -5.51
N THR A 300 -3.05 6.36 -6.18
CA THR A 300 -3.85 5.61 -7.14
C THR A 300 -4.41 6.52 -8.20
N GLY A 301 -5.15 5.90 -9.16
CA GLY A 301 -5.74 6.63 -10.27
C GLY A 301 -7.15 7.16 -9.98
N ALA A 302 -7.83 6.59 -9.00
CA ALA A 302 -9.18 7.01 -8.59
C ALA A 302 -9.12 8.36 -7.88
N VAL A 303 -10.19 9.16 -8.04
CA VAL A 303 -10.33 10.38 -7.29
C VAL A 303 -11.61 10.41 -6.49
N THR A 304 -12.34 9.29 -6.42
CA THR A 304 -13.51 9.21 -5.56
C THR A 304 -13.30 8.03 -4.62
N ASP A 305 -14.11 7.94 -3.56
CA ASP A 305 -14.12 6.81 -2.65
C ASP A 305 -15.32 5.89 -2.91
N CYS A 306 -15.75 5.83 -4.17
CA CYS A 306 -16.91 5.05 -4.58
C CYS A 306 -16.68 3.54 -4.58
N ALA A 307 -15.44 3.08 -4.69
CA ALA A 307 -15.19 1.65 -4.82
C ALA A 307 -15.89 0.91 -3.68
N LYS A 308 -16.56 -0.16 -4.08
CA LYS A 308 -17.33 -0.97 -3.15
C LYS A 308 -16.48 -1.38 -1.96
N TYR A 309 -16.93 -1.07 -0.72
CA TYR A 309 -16.29 -1.44 0.54
C TYR A 309 -14.99 -0.67 0.84
N LEU A 310 -14.64 0.35 0.07
CA LEU A 310 -13.38 1.04 0.26
C LEU A 310 -13.17 1.59 1.66
N ASN A 311 -14.26 2.14 2.27
CA ASN A 311 -14.21 2.74 3.60
C ASN A 311 -14.53 1.69 4.66
N GLY A 312 -14.65 0.44 4.20
CA GLY A 312 -14.95 -0.70 5.04
C GLY A 312 -16.28 -1.28 4.61
N LYS A 313 -16.36 -2.61 4.69
CA LYS A 313 -17.55 -3.32 4.28
C LYS A 313 -18.66 -2.94 5.25
N GLY A 314 -19.78 -2.49 4.71
CA GLY A 314 -20.87 -2.00 5.55
C GLY A 314 -20.82 -0.49 5.74
N ASN A 315 -19.78 0.19 5.22
CA ASN A 315 -19.69 1.64 5.23
C ASN A 315 -19.91 2.17 3.81
N GLY A 316 -20.36 3.42 3.70
CA GLY A 316 -20.59 4.03 2.40
C GLY A 316 -19.44 4.91 1.95
N ALA A 317 -19.78 5.90 1.14
CA ALA A 317 -18.82 6.74 0.46
C ALA A 317 -19.07 8.23 0.74
N ARG A 318 -18.00 9.02 0.91
CA ARG A 318 -18.12 10.46 0.94
C ARG A 318 -18.78 10.98 -0.32
N TYR A 319 -18.41 10.40 -1.46
CA TYR A 319 -18.67 11.04 -2.73
C TYR A 319 -20.17 11.18 -2.98
N ASP A 320 -20.94 10.21 -2.50
CA ASP A 320 -22.37 10.23 -2.76
C ASP A 320 -23.15 10.49 -1.48
N GLY A 321 -22.46 11.00 -0.45
CA GLY A 321 -23.15 11.43 0.75
C GLY A 321 -23.51 10.34 1.74
N SER A 322 -22.96 9.12 1.58
CA SER A 322 -23.34 7.99 2.40
C SER A 322 -22.29 7.68 3.48
N TYR A 323 -21.35 8.60 3.72
CA TYR A 323 -20.34 8.41 4.75
C TYR A 323 -20.25 9.68 5.59
N ALA A 324 -20.38 9.56 6.92
CA ALA A 324 -20.08 10.60 7.88
C ALA A 324 -20.92 11.88 7.69
N ALA A 325 -22.08 11.78 7.03
CA ALA A 325 -22.95 12.92 6.76
C ALA A 325 -22.29 13.95 5.84
N ASP A 326 -21.31 13.51 5.03
CA ASP A 326 -20.77 14.39 4.01
C ASP A 326 -21.85 14.62 2.95
N LYS A 327 -21.74 15.77 2.28
CA LYS A 327 -22.73 16.17 1.30
C LYS A 327 -22.31 15.59 -0.04
N ALA A 328 -23.26 14.96 -0.70
CA ALA A 328 -23.01 14.30 -1.95
C ALA A 328 -22.45 15.30 -2.96
N ILE A 329 -21.44 14.83 -3.69
CA ILE A 329 -20.93 15.50 -4.87
C ILE A 329 -21.51 14.85 -6.14
N GLY A 330 -21.67 13.53 -6.17
CA GLY A 330 -22.16 12.83 -7.36
C GLY A 330 -22.59 11.43 -7.00
N ASP A 331 -22.94 10.55 -7.97
CA ASP A 331 -23.39 9.19 -7.70
C ASP A 331 -22.18 8.25 -7.83
N CYS A 332 -22.22 7.11 -7.13
CA CYS A 332 -21.12 6.14 -7.13
C CYS A 332 -21.37 4.89 -7.98
N SER A 333 -22.46 4.79 -8.75
CA SER A 333 -22.73 3.50 -9.39
C SER A 333 -21.68 3.19 -10.49
N SER A 334 -21.23 4.23 -11.22
CA SER A 334 -20.26 4.02 -12.28
C SER A 334 -18.90 3.59 -11.73
N LEU A 335 -18.48 4.19 -10.63
CA LEU A 335 -17.11 4.02 -10.16
C LEU A 335 -17.02 3.01 -9.03
N ALA A 336 -18.12 2.33 -8.66
CA ALA A 336 -18.07 1.45 -7.52
C ALA A 336 -17.45 0.08 -7.85
N THR A 337 -17.71 -0.42 -9.06
CA THR A 337 -17.34 -1.77 -9.49
C THR A 337 -17.00 -1.71 -10.98
N GLY A 338 -16.38 -2.77 -11.46
CA GLY A 338 -16.12 -2.94 -12.87
C GLY A 338 -14.75 -2.45 -13.29
N PHE A 339 -14.56 -2.37 -14.61
CA PHE A 339 -13.26 -2.14 -15.24
C PHE A 339 -13.36 -0.93 -16.16
N VAL A 340 -12.25 -0.24 -16.42
CA VAL A 340 -12.30 1.10 -17.00
C VAL A 340 -12.81 1.11 -18.44
N SER A 341 -12.88 -0.07 -19.09
CA SER A 341 -13.53 -0.20 -20.40
C SER A 341 -14.98 0.27 -20.35
N LYS A 342 -15.64 0.21 -19.17
CA LYS A 342 -17.02 0.66 -19.00
C LYS A 342 -17.16 2.19 -19.15
N LEU A 343 -16.07 2.96 -18.98
CA LEU A 343 -16.15 4.41 -18.92
C LEU A 343 -16.09 5.01 -20.33
N SER A 344 -16.16 6.33 -20.40
CA SER A 344 -16.04 7.07 -21.63
C SER A 344 -14.57 7.36 -21.96
N ASP A 345 -14.30 7.73 -23.21
CA ASP A 345 -12.96 8.15 -23.55
C ASP A 345 -12.49 9.31 -22.67
N GLU A 346 -13.37 10.31 -22.47
CA GLU A 346 -13.02 11.47 -21.68
C GLU A 346 -12.67 11.08 -20.24
N GLU A 347 -13.47 10.18 -19.66
CA GLU A 347 -13.22 9.71 -18.30
C GLU A 347 -11.87 9.00 -18.21
N ARG A 348 -11.53 8.17 -19.19
CA ARG A 348 -10.20 7.55 -19.20
C ARG A 348 -9.08 8.56 -19.42
N SER A 349 -9.37 9.60 -20.21
CA SER A 349 -8.41 10.63 -20.52
C SER A 349 -8.06 11.41 -19.26
N ASP A 350 -9.09 11.80 -18.52
CA ASP A 350 -8.90 12.55 -17.28
C ASP A 350 -8.17 11.69 -16.24
N MET A 351 -8.50 10.38 -16.21
CA MET A 351 -7.84 9.51 -15.26
C MET A 351 -6.35 9.43 -15.61
N ARG A 352 -6.03 9.34 -16.90
CA ARG A 352 -4.64 9.29 -17.30
C ARG A 352 -3.92 10.61 -16.98
N ARG A 353 -4.61 11.75 -17.15
CA ARG A 353 -4.03 13.04 -16.80
C ARG A 353 -3.56 13.06 -15.34
N PHE A 354 -4.41 12.53 -14.46
CA PHE A 354 -4.15 12.52 -13.04
C PHE A 354 -2.99 11.58 -12.73
N ILE A 355 -2.94 10.41 -13.41
CA ILE A 355 -1.82 9.49 -13.24
C ILE A 355 -0.52 10.08 -13.74
N GLU A 356 -0.51 10.68 -14.93
CA GLU A 356 0.73 11.22 -15.45
C GLU A 356 1.25 12.27 -14.47
N ALA A 357 0.35 13.10 -13.97
CA ALA A 357 0.77 14.18 -13.08
C ALA A 357 1.46 13.63 -11.83
N GLN A 358 0.90 12.55 -11.28
CA GLN A 358 1.50 11.93 -10.11
C GLN A 358 2.83 11.31 -10.45
N LEU A 359 2.95 10.60 -11.60
CA LEU A 359 4.24 10.02 -11.93
C LEU A 359 5.32 11.11 -11.95
N ASP A 360 5.03 12.21 -12.62
CA ASP A 360 6.03 13.24 -12.82
C ASP A 360 6.30 13.98 -11.51
N ALA A 361 5.28 14.27 -10.71
CA ALA A 361 5.48 14.93 -9.41
C ALA A 361 6.27 14.05 -8.47
N PHE A 362 5.94 12.76 -8.42
CA PHE A 362 6.55 11.90 -7.43
C PHE A 362 7.97 11.53 -7.84
N GLU A 363 8.27 11.55 -9.13
CA GLU A 363 9.64 11.33 -9.58
C GLU A 363 10.51 12.57 -9.34
N LEU A 364 9.93 13.69 -8.90
CA LEU A 364 10.78 14.81 -8.50
C LEU A 364 11.59 14.47 -7.28
N LYS A 365 11.04 13.59 -6.41
CA LYS A 365 11.69 13.19 -5.19
C LYS A 365 12.33 11.83 -5.40
N SER A 366 11.65 10.73 -5.05
CA SER A 366 12.28 9.40 -5.03
C SER A 366 11.45 8.35 -5.76
N GLY A 367 10.31 8.74 -6.32
CA GLY A 367 9.45 7.78 -7.00
C GLY A 367 8.24 7.38 -6.17
N TRP A 368 7.68 6.23 -6.57
CA TRP A 368 6.27 5.97 -6.39
C TRP A 368 5.97 4.49 -6.47
N VAL A 369 4.87 4.10 -5.82
CA VAL A 369 4.44 2.73 -5.79
C VAL A 369 2.91 2.75 -5.80
N PHE A 370 2.31 2.35 -6.93
CA PHE A 370 0.87 2.45 -7.12
C PHE A 370 0.12 1.42 -6.26
N TRP A 371 -1.04 1.83 -5.71
CA TRP A 371 -1.94 0.92 -5.04
C TRP A 371 -3.18 0.75 -5.95
N THR A 372 -3.48 -0.44 -6.51
CA THR A 372 -2.84 -1.74 -6.32
C THR A 372 -2.78 -2.46 -7.68
N TRP A 373 -2.14 -3.62 -7.72
CA TRP A 373 -1.90 -4.34 -8.97
C TRP A 373 -3.20 -4.87 -9.55
N LYS A 374 -4.09 -5.38 -8.68
CA LYS A 374 -5.17 -6.24 -9.10
C LYS A 374 -6.32 -6.24 -8.09
N THR A 375 -7.54 -6.18 -8.63
CA THR A 375 -8.77 -6.14 -7.84
C THR A 375 -9.82 -7.01 -8.50
N GLU A 376 -11.04 -7.05 -7.96
CA GLU A 376 -12.17 -7.67 -8.66
C GLU A 376 -12.95 -6.66 -9.50
N GLY A 377 -12.43 -5.44 -9.59
CA GLY A 377 -12.97 -4.40 -10.45
C GLY A 377 -13.34 -3.18 -9.60
N ALA A 378 -12.37 -2.27 -9.51
CA ALA A 378 -12.48 -1.04 -8.75
C ALA A 378 -11.91 0.08 -9.60
N PRO A 379 -12.74 0.78 -10.39
CA PRO A 379 -12.20 1.67 -11.41
C PRO A 379 -11.21 2.70 -10.89
N GLY A 380 -10.06 2.76 -11.57
CA GLY A 380 -8.95 3.65 -11.23
C GLY A 380 -7.94 3.08 -10.22
N TRP A 381 -8.29 1.97 -9.56
CA TRP A 381 -7.46 1.40 -8.49
C TRP A 381 -6.62 0.19 -8.94
N ASP A 382 -6.78 -0.27 -10.19
CA ASP A 382 -6.30 -1.56 -10.61
C ASP A 382 -5.30 -1.41 -11.76
N MET A 383 -4.01 -1.49 -11.44
CA MET A 383 -3.01 -1.17 -12.41
C MET A 383 -3.08 -2.15 -13.58
N SER A 384 -3.34 -3.42 -13.31
CA SER A 384 -3.39 -4.42 -14.38
C SER A 384 -4.47 -4.05 -15.39
N ASP A 385 -5.60 -3.55 -14.90
CA ASP A 385 -6.64 -3.03 -15.75
C ASP A 385 -6.18 -1.79 -16.54
N LEU A 386 -5.65 -0.78 -15.84
CA LEU A 386 -5.27 0.47 -16.42
C LEU A 386 -4.19 0.30 -17.49
N LEU A 387 -3.29 -0.66 -17.29
CA LEU A 387 -2.26 -0.91 -18.27
C LEU A 387 -2.86 -1.37 -19.58
N GLU A 388 -3.73 -2.37 -19.49
CA GLU A 388 -4.31 -2.98 -20.67
C GLU A 388 -5.19 -1.98 -21.39
N ALA A 389 -5.85 -1.10 -20.62
CA ALA A 389 -6.71 -0.07 -21.16
C ALA A 389 -5.96 1.12 -21.78
N GLY A 390 -4.65 1.18 -21.61
CA GLY A 390 -3.88 2.28 -22.17
C GLY A 390 -3.93 3.53 -21.28
N VAL A 391 -4.38 3.39 -20.02
CA VAL A 391 -4.52 4.51 -19.12
C VAL A 391 -3.22 4.73 -18.33
N PHE A 392 -2.49 3.64 -18.04
CA PHE A 392 -1.27 3.73 -17.22
C PHE A 392 -0.04 3.76 -18.13
N PRO A 393 0.81 4.82 -18.04
CA PRO A 393 2.03 4.89 -18.85
C PRO A 393 3.03 3.80 -18.54
N THR A 394 3.86 3.43 -19.53
CA THR A 394 4.78 2.29 -19.39
C THR A 394 6.24 2.74 -19.33
N SER A 395 6.46 4.05 -19.25
CA SER A 395 7.79 4.61 -19.18
C SER A 395 7.66 6.10 -18.87
N PRO A 396 8.75 6.74 -18.43
CA PRO A 396 8.70 8.18 -18.19
C PRO A 396 8.46 8.96 -19.47
N ASP A 397 8.83 8.39 -20.63
CA ASP A 397 8.67 9.10 -21.88
C ASP A 397 7.27 8.90 -22.47
N ASP A 398 6.47 8.03 -21.85
CA ASP A 398 5.16 7.71 -22.35
C ASP A 398 4.17 8.70 -21.75
N ARG A 399 3.98 9.83 -22.43
CA ARG A 399 3.12 10.89 -21.93
C ARG A 399 2.24 11.40 -23.05
N GLU A 400 0.94 11.43 -22.77
CA GLU A 400 -0.05 11.92 -23.73
C GLU A 400 -0.37 13.37 -23.44
N PHE A 401 0.01 13.88 -22.27
CA PHE A 401 -0.25 15.27 -21.94
C PHE A 401 1.05 15.95 -21.52
N PRO A 402 1.11 17.30 -21.56
CA PRO A 402 2.30 18.02 -21.14
C PRO A 402 2.68 17.65 -19.71
N LYS A 403 3.95 17.75 -19.39
CA LYS A 403 4.44 17.53 -18.04
C LYS A 403 3.79 18.53 -17.09
N GLN A 404 3.27 18.07 -15.94
CA GLN A 404 2.48 18.98 -15.10
C GLN A 404 3.23 19.50 -13.88
N CYS A 405 4.36 18.91 -13.56
CA CYS A 405 5.10 19.31 -12.37
CA CYS A 405 5.10 19.31 -12.36
C CYS A 405 6.57 19.26 -12.75
N HIS A 406 7.32 20.32 -12.39
CA HIS A 406 8.70 20.50 -12.86
C HIS A 406 9.64 20.82 -11.70
N HIS A 407 10.95 20.60 -11.89
CA HIS A 407 11.98 21.12 -10.98
C HIS A 407 12.05 22.64 -11.10
#